data_3EG6
#
_entry.id   3EG6
#
_cell.length_a   78.254
_cell.length_b   98.384
_cell.length_c   80.075
_cell.angle_alpha   90.00
_cell.angle_beta   90.00
_cell.angle_gamma   90.00
#
_symmetry.space_group_name_H-M   'C 2 2 21'
#
loop_
_entity.id
_entity.type
_entity.pdbx_description
1 polymer 'WD repeat-containing protein 5'
2 polymer 'MLL-1 peptide'
3 non-polymer 'SULFATE ION'
4 water water
#
loop_
_entity_poly.entity_id
_entity_poly.type
_entity_poly.pdbx_seq_one_letter_code
_entity_poly.pdbx_strand_id
1 'polypeptide(L)'
;ATQSKPTPVKPNYALKFTLAGHTKAVSSVKFSPNGEWLASSSADKLIKIWGAYDGKFEKTISGHKLGISDVAWSSDSNLL
VSASDDKTLKIWDVSSGKCLKTLKGHSNYVFCCNFNPQSNLIVSGSFDESVRIWDVKTGKCLKTLPAHSDPVSAVHFNRD
GSLIVSSSYDGLCRIWDTASGQCLKTLIDDDNPPVSFVKFSPNGKYILAATLDNTLKLWDYSKGKCLKTYTGHKNEKYCI
FANFSVTGGKWIVSGSEDNLVYIWNLQTKEIVQKLQGHTDVVISTACHPTENIIASAALENDKTIKLWKSDC
;
A
2 'polypeptide(L)' (ACE)GSARAEVHLRKS C
#
loop_
_chem_comp.id
_chem_comp.type
_chem_comp.name
_chem_comp.formula
ACE non-polymer 'ACETYL GROUP' 'C2 H4 O'
SO4 non-polymer 'SULFATE ION' 'O4 S -2'
#
# COMPACT_ATOMS: atom_id res chain seq x y z
N VAL A 9 10.71 2.52 -25.24
CA VAL A 9 11.52 1.51 -24.50
C VAL A 9 10.64 0.74 -23.52
N LYS A 10 11.00 -0.52 -23.28
CA LYS A 10 10.26 -1.38 -22.37
C LYS A 10 11.19 -2.06 -21.38
N PRO A 11 10.72 -2.31 -20.15
CA PRO A 11 11.54 -2.96 -19.12
C PRO A 11 11.69 -4.46 -19.40
N ASN A 12 12.61 -5.10 -18.68
CA ASN A 12 12.84 -6.53 -18.85
C ASN A 12 13.01 -7.18 -17.49
N TYR A 13 12.03 -6.98 -16.62
CA TYR A 13 12.07 -7.57 -15.29
C TYR A 13 12.12 -9.08 -15.35
N ALA A 14 13.07 -9.65 -14.60
CA ALA A 14 13.23 -11.11 -14.55
C ALA A 14 13.28 -11.56 -13.10
N LEU A 15 12.65 -12.69 -12.83
CA LEU A 15 12.62 -13.23 -11.47
C LEU A 15 14.04 -13.53 -10.97
N LYS A 16 14.37 -12.97 -9.80
CA LYS A 16 15.69 -13.18 -9.21
C LYS A 16 15.61 -13.99 -7.92
N PHE A 17 14.60 -13.72 -7.10
CA PHE A 17 14.43 -14.44 -5.84
C PHE A 17 12.98 -14.65 -5.46
N THR A 18 12.71 -15.75 -4.77
CA THR A 18 11.38 -16.06 -4.28
C THR A 18 11.57 -16.23 -2.79
N LEU A 19 10.84 -15.44 -2.01
CA LEU A 19 10.95 -15.45 -0.56
C LEU A 19 9.82 -16.20 0.14
N ALA A 20 10.17 -17.34 0.75
CA ALA A 20 9.20 -18.16 1.47
C ALA A 20 9.38 -17.96 2.96
N GLY A 21 8.26 -17.93 3.69
CA GLY A 21 8.35 -17.73 5.12
C GLY A 21 7.01 -17.52 5.80
N HIS A 22 6.15 -16.69 5.22
CA HIS A 22 4.84 -16.46 5.81
C HIS A 22 4.02 -17.73 5.71
N THR A 23 3.21 -18.00 6.73
CA THR A 23 2.39 -19.21 6.76
C THR A 23 0.95 -19.00 6.33
N LYS A 24 0.64 -17.79 5.89
CA LYS A 24 -0.69 -17.43 5.40
C LYS A 24 -0.50 -16.39 4.31
N ALA A 25 -1.60 -15.96 3.71
CA ALA A 25 -1.53 -14.97 2.65
C ALA A 25 -0.66 -13.78 3.06
N VAL A 26 0.15 -13.29 2.13
CA VAL A 26 0.98 -12.11 2.41
C VAL A 26 0.02 -10.96 2.10
N SER A 27 0.08 -9.89 2.88
CA SER A 27 -0.84 -8.77 2.67
C SER A 27 -0.24 -7.52 2.07
N SER A 28 1.03 -7.27 2.33
CA SER A 28 1.67 -6.08 1.79
C SER A 28 3.18 -6.18 1.85
N VAL A 29 3.86 -5.56 0.89
CA VAL A 29 5.33 -5.51 0.88
C VAL A 29 5.75 -4.06 0.62
N LYS A 30 6.80 -3.62 1.29
CA LYS A 30 7.28 -2.24 1.16
C LYS A 30 8.80 -2.19 1.29
N PHE A 31 9.45 -1.45 0.41
CA PHE A 31 10.90 -1.30 0.46
C PHE A 31 11.24 -0.13 1.40
N SER A 32 12.29 -0.28 2.19
CA SER A 32 12.67 0.81 3.11
C SER A 32 13.21 1.96 2.26
N PRO A 33 12.95 3.20 2.70
CA PRO A 33 13.42 4.39 1.96
C PRO A 33 14.92 4.37 1.65
N ASN A 34 15.72 3.75 2.50
CA ASN A 34 17.16 3.70 2.26
C ASN A 34 17.57 2.57 1.33
N GLY A 35 16.57 1.82 0.86
CA GLY A 35 16.80 0.71 -0.05
C GLY A 35 17.47 -0.54 0.45
N GLU A 36 17.69 -0.64 1.76
CA GLU A 36 18.35 -1.81 2.31
C GLU A 36 17.42 -2.98 2.60
N TRP A 37 16.15 -2.68 2.87
CA TRP A 37 15.24 -3.76 3.23
C TRP A 37 13.89 -3.79 2.57
N LEU A 38 13.23 -4.93 2.74
CA LEU A 38 11.88 -5.16 2.26
C LEU A 38 11.14 -5.66 3.48
N ALA A 39 10.01 -5.03 3.80
CA ALA A 39 9.21 -5.47 4.92
C ALA A 39 7.95 -6.06 4.33
N SER A 40 7.46 -7.13 4.94
CA SER A 40 6.24 -7.77 4.47
C SER A 40 5.33 -8.02 5.66
N SER A 41 4.03 -7.94 5.43
CA SER A 41 3.05 -8.18 6.48
C SER A 41 2.20 -9.34 5.98
N SER A 42 1.56 -10.06 6.89
CA SER A 42 0.77 -11.21 6.48
C SER A 42 -0.41 -11.50 7.38
N ALA A 43 -1.33 -12.30 6.86
CA ALA A 43 -2.50 -12.71 7.63
C ALA A 43 -2.02 -13.63 8.76
N ASP A 44 -0.74 -14.01 8.74
CA ASP A 44 -0.20 -14.88 9.79
C ASP A 44 0.21 -14.09 11.04
N LYS A 45 -0.20 -12.82 11.09
CA LYS A 45 0.06 -11.91 12.20
C LYS A 45 1.50 -11.45 12.31
N LEU A 46 2.32 -11.79 11.31
CA LEU A 46 3.72 -11.41 11.39
C LEU A 46 4.21 -10.43 10.34
N ILE A 47 5.32 -9.79 10.68
CA ILE A 47 6.01 -8.88 9.79
C ILE A 47 7.37 -9.53 9.62
N LYS A 48 7.84 -9.63 8.38
CA LYS A 48 9.16 -10.20 8.14
C LYS A 48 10.00 -9.19 7.39
N ILE A 49 11.29 -9.15 7.73
CA ILE A 49 12.25 -8.23 7.11
C ILE A 49 13.17 -9.06 6.21
N TRP A 50 13.42 -8.59 5.00
CA TRP A 50 14.27 -9.31 4.07
C TRP A 50 15.27 -8.37 3.38
N GLY A 51 16.43 -8.91 3.01
CA GLY A 51 17.43 -8.10 2.32
C GLY A 51 16.86 -7.70 0.97
N ALA A 52 16.84 -6.40 0.70
CA ALA A 52 16.28 -5.88 -0.55
C ALA A 52 16.99 -6.32 -1.82
N TYR A 53 18.30 -6.55 -1.73
CA TYR A 53 19.07 -6.94 -2.91
C TYR A 53 19.31 -8.43 -3.08
N ASP A 54 19.39 -9.18 -1.98
CA ASP A 54 19.63 -10.61 -2.07
C ASP A 54 18.42 -11.45 -1.66
N GLY A 55 17.37 -10.78 -1.19
CA GLY A 55 16.17 -11.48 -0.78
C GLY A 55 16.37 -12.39 0.42
N LYS A 56 17.48 -12.18 1.13
CA LYS A 56 17.81 -13.01 2.29
C LYS A 56 16.99 -12.62 3.52
N PHE A 57 16.37 -13.62 4.13
CA PHE A 57 15.55 -13.40 5.33
C PHE A 57 16.40 -12.82 6.45
N GLU A 58 15.90 -11.75 7.05
CA GLU A 58 16.60 -11.08 8.14
C GLU A 58 16.03 -11.42 9.50
N LYS A 59 14.79 -11.03 9.76
CA LYS A 59 14.16 -11.31 11.05
C LYS A 59 12.65 -11.24 10.98
N THR A 60 12.00 -11.72 12.04
CA THR A 60 10.54 -11.69 12.14
C THR A 60 10.17 -10.79 13.31
N ILE A 61 9.18 -9.92 13.08
CA ILE A 61 8.70 -9.00 14.10
C ILE A 61 7.26 -9.43 14.43
N SER A 62 7.03 -9.76 15.69
CA SER A 62 5.74 -10.26 16.15
C SER A 62 5.09 -9.41 17.24
N GLY A 63 3.78 -9.57 17.42
CA GLY A 63 3.07 -8.82 18.43
C GLY A 63 1.55 -8.74 18.24
N HIS A 64 1.12 -8.51 17.00
CA HIS A 64 -0.32 -8.42 16.73
C HIS A 64 -1.06 -9.69 17.13
N LYS A 65 -2.31 -9.53 17.53
CA LYS A 65 -3.15 -10.66 17.95
C LYS A 65 -3.90 -11.31 16.81
N LEU A 66 -4.04 -10.59 15.70
CA LEU A 66 -4.75 -11.11 14.52
C LEU A 66 -4.01 -10.70 13.25
N GLY A 67 -4.50 -11.16 12.11
CA GLY A 67 -3.87 -10.86 10.84
C GLY A 67 -3.57 -9.39 10.57
N ILE A 68 -2.51 -9.14 9.80
CA ILE A 68 -2.12 -7.78 9.45
C ILE A 68 -2.48 -7.49 8.00
N SER A 69 -3.00 -6.30 7.74
CA SER A 69 -3.40 -5.93 6.39
C SER A 69 -2.46 -4.96 5.68
N ASP A 70 -1.61 -4.28 6.43
CA ASP A 70 -0.71 -3.30 5.81
C ASP A 70 0.46 -2.98 6.75
N VAL A 71 1.56 -2.52 6.16
CA VAL A 71 2.74 -2.15 6.93
C VAL A 71 3.43 -1.04 6.16
N ALA A 72 4.07 -0.12 6.86
CA ALA A 72 4.72 1.01 6.20
C ALA A 72 5.95 1.50 6.97
N TRP A 73 6.92 2.01 6.23
CA TRP A 73 8.16 2.52 6.79
C TRP A 73 8.15 4.02 7.09
N SER A 74 8.95 4.42 8.07
CA SER A 74 9.10 5.82 8.41
C SER A 74 10.16 6.32 7.45
N SER A 75 10.22 7.63 7.26
CA SER A 75 11.16 8.25 6.34
C SER A 75 12.63 7.87 6.49
N ASP A 76 13.07 7.63 7.72
CA ASP A 76 14.47 7.27 7.95
C ASP A 76 14.72 5.76 8.04
N SER A 77 13.74 4.98 7.59
CA SER A 77 13.86 3.51 7.58
C SER A 77 14.09 2.90 8.96
N ASN A 78 13.81 3.64 10.03
CA ASN A 78 14.02 3.10 11.37
C ASN A 78 12.77 2.49 11.99
N LEU A 79 11.61 2.97 11.57
CA LEU A 79 10.35 2.49 12.13
C LEU A 79 9.41 1.89 11.12
N LEU A 80 8.47 1.10 11.62
CA LEU A 80 7.44 0.50 10.80
C LEU A 80 6.12 0.68 11.54
N VAL A 81 5.04 0.77 10.79
CA VAL A 81 3.73 0.86 11.40
C VAL A 81 2.90 -0.20 10.67
N SER A 82 2.13 -0.97 11.43
CA SER A 82 1.30 -2.02 10.84
C SER A 82 -0.16 -1.84 11.25
N ALA A 83 -1.06 -2.27 10.38
CA ALA A 83 -2.50 -2.18 10.61
C ALA A 83 -3.05 -3.61 10.68
N SER A 84 -3.78 -3.92 11.74
CA SER A 84 -4.29 -5.27 11.95
C SER A 84 -5.77 -5.44 12.25
N ASP A 85 -6.24 -6.68 12.05
CA ASP A 85 -7.62 -7.05 12.33
C ASP A 85 -7.89 -6.95 13.83
N ASP A 86 -6.83 -6.89 14.65
CA ASP A 86 -7.02 -6.79 16.09
C ASP A 86 -7.45 -5.37 16.46
N LYS A 87 -7.74 -4.57 15.43
CA LYS A 87 -8.20 -3.19 15.56
C LYS A 87 -7.18 -2.19 16.06
N THR A 88 -5.91 -2.55 15.99
CA THR A 88 -4.85 -1.67 16.45
C THR A 88 -3.81 -1.47 15.36
N LEU A 89 -2.94 -0.49 15.59
CA LEU A 89 -1.82 -0.26 14.70
C LEU A 89 -0.69 -0.38 15.70
N LYS A 90 0.48 -0.81 15.24
CA LYS A 90 1.62 -0.92 16.12
C LYS A 90 2.80 -0.22 15.46
N ILE A 91 3.53 0.56 16.24
CA ILE A 91 4.72 1.25 15.72
C ILE A 91 5.90 0.40 16.21
N TRP A 92 6.78 0.03 15.28
CA TRP A 92 7.92 -0.79 15.62
C TRP A 92 9.27 -0.16 15.37
N ASP A 93 10.22 -0.50 16.22
CA ASP A 93 11.59 -0.04 16.03
C ASP A 93 12.20 -1.24 15.33
N VAL A 94 12.48 -1.11 14.04
CA VAL A 94 13.01 -2.23 13.27
C VAL A 94 14.29 -2.87 13.81
N SER A 95 15.27 -2.05 14.18
CA SER A 95 16.54 -2.57 14.69
C SER A 95 16.41 -3.46 15.93
N SER A 96 15.59 -3.04 16.90
CA SER A 96 15.41 -3.81 18.12
C SER A 96 14.23 -4.78 18.03
N GLY A 97 13.32 -4.51 17.11
CA GLY A 97 12.15 -5.38 16.97
C GLY A 97 11.08 -5.07 18.00
N LYS A 98 11.31 -4.04 18.82
CA LYS A 98 10.36 -3.69 19.86
C LYS A 98 9.12 -2.93 19.38
N CYS A 99 7.99 -3.21 20.01
CA CYS A 99 6.75 -2.50 19.70
C CYS A 99 6.80 -1.26 20.58
N LEU A 100 7.03 -0.10 19.97
CA LEU A 100 7.13 1.15 20.70
C LEU A 100 5.79 1.65 21.23
N LYS A 101 4.76 1.51 20.42
CA LYS A 101 3.42 1.95 20.78
C LYS A 101 2.36 1.11 20.09
N THR A 102 1.21 0.97 20.75
CA THR A 102 0.09 0.25 20.18
C THR A 102 -0.98 1.33 20.11
N LEU A 103 -1.44 1.62 18.90
CA LEU A 103 -2.43 2.67 18.70
C LEU A 103 -3.84 2.14 18.75
N LYS A 104 -4.55 2.47 19.83
CA LYS A 104 -5.92 2.01 19.98
C LYS A 104 -6.92 3.14 19.85
N GLY A 105 -7.96 2.91 19.06
CA GLY A 105 -8.96 3.94 18.87
C GLY A 105 -9.99 3.53 17.83
N HIS A 106 -9.55 2.82 16.81
CA HIS A 106 -10.47 2.38 15.78
C HIS A 106 -11.40 1.36 16.40
N SER A 107 -12.63 1.29 15.91
CA SER A 107 -13.62 0.37 16.45
C SER A 107 -13.83 -0.88 15.60
N ASN A 108 -13.02 -1.02 14.54
CA ASN A 108 -13.10 -2.19 13.68
C ASN A 108 -11.72 -2.39 13.08
N TYR A 109 -11.56 -3.42 12.25
CA TYR A 109 -10.26 -3.72 11.66
C TYR A 109 -9.54 -2.50 11.11
N VAL A 110 -8.24 -2.41 11.31
CA VAL A 110 -7.47 -1.32 10.72
C VAL A 110 -6.93 -1.94 9.43
N PHE A 111 -7.21 -1.27 8.32
CA PHE A 111 -6.86 -1.78 7.00
C PHE A 111 -5.63 -1.21 6.30
N CYS A 112 -5.36 0.07 6.53
CA CYS A 112 -4.26 0.72 5.85
C CYS A 112 -3.57 1.73 6.75
N CYS A 113 -2.31 2.03 6.46
CA CYS A 113 -1.57 2.96 7.27
C CYS A 113 -0.37 3.54 6.55
N ASN A 114 0.10 4.69 7.04
CA ASN A 114 1.24 5.37 6.47
C ASN A 114 1.76 6.45 7.41
N PHE A 115 3.05 6.74 7.29
CA PHE A 115 3.70 7.79 8.06
C PHE A 115 3.64 9.01 7.15
N ASN A 116 3.70 10.20 7.72
CA ASN A 116 3.72 11.40 6.91
C ASN A 116 5.19 11.62 6.59
N PRO A 117 5.51 12.55 5.69
CA PRO A 117 6.90 12.83 5.32
C PRO A 117 7.90 13.01 6.46
N GLN A 118 7.56 13.79 7.48
CA GLN A 118 8.49 13.96 8.58
C GLN A 118 8.41 12.79 9.56
N SER A 119 7.48 11.87 9.32
CA SER A 119 7.29 10.70 10.17
C SER A 119 6.98 11.00 11.63
N ASN A 120 6.31 12.12 11.86
CA ASN A 120 5.91 12.49 13.21
C ASN A 120 4.45 12.14 13.37
N LEU A 121 3.80 11.82 12.25
CA LEU A 121 2.39 11.46 12.26
C LEU A 121 2.15 10.16 11.49
N ILE A 122 1.06 9.49 11.85
CA ILE A 122 0.64 8.26 11.20
C ILE A 122 -0.83 8.42 10.86
N VAL A 123 -1.20 8.03 9.65
CA VAL A 123 -2.59 8.11 9.23
C VAL A 123 -3.05 6.68 9.05
N SER A 124 -4.28 6.40 9.48
CA SER A 124 -4.82 5.05 9.36
C SER A 124 -6.24 5.05 8.84
N GLY A 125 -6.61 3.96 8.18
CA GLY A 125 -7.96 3.82 7.64
C GLY A 125 -8.52 2.53 8.19
N SER A 126 -9.81 2.50 8.50
CA SER A 126 -10.39 1.30 9.10
C SER A 126 -11.75 0.88 8.56
N PHE A 127 -12.16 -0.34 8.92
CA PHE A 127 -13.47 -0.84 8.52
C PHE A 127 -14.53 -0.04 9.27
N ASP A 128 -14.11 0.75 10.27
CA ASP A 128 -15.07 1.56 11.01
C ASP A 128 -15.47 2.82 10.24
N GLU A 129 -14.99 2.88 8.99
CA GLU A 129 -15.29 3.96 8.05
C GLU A 129 -14.66 5.30 8.37
N SER A 130 -13.67 5.30 9.26
CA SER A 130 -12.98 6.53 9.63
C SER A 130 -11.52 6.52 9.28
N VAL A 131 -10.93 7.71 9.33
CA VAL A 131 -9.52 7.93 9.09
C VAL A 131 -9.03 8.58 10.38
N ARG A 132 -7.95 8.06 10.96
CA ARG A 132 -7.41 8.64 12.18
C ARG A 132 -5.98 9.11 11.94
N ILE A 133 -5.59 10.17 12.65
CA ILE A 133 -4.25 10.73 12.55
C ILE A 133 -3.66 10.61 13.94
N TRP A 134 -2.50 9.95 14.04
CA TRP A 134 -1.86 9.71 15.32
C TRP A 134 -0.49 10.37 15.48
N ASP A 135 -0.13 10.70 16.71
CA ASP A 135 1.17 11.28 17.00
C ASP A 135 2.11 10.11 17.22
N VAL A 136 3.17 10.03 16.42
CA VAL A 136 4.13 8.93 16.53
C VAL A 136 4.79 8.82 17.89
N LYS A 137 5.31 9.93 18.40
CA LYS A 137 5.99 9.97 19.69
C LYS A 137 5.16 9.47 20.88
N THR A 138 3.95 10.01 21.03
CA THR A 138 3.09 9.64 22.14
C THR A 138 2.17 8.46 21.86
N GLY A 139 1.93 8.16 20.59
CA GLY A 139 1.06 7.07 20.23
C GLY A 139 -0.38 7.42 20.52
N LYS A 140 -0.66 8.71 20.58
CA LYS A 140 -2.01 9.20 20.86
C LYS A 140 -2.71 9.67 19.60
N CYS A 141 -4.01 9.41 19.52
CA CYS A 141 -4.78 9.83 18.36
C CYS A 141 -5.03 11.33 18.45
N LEU A 142 -4.66 12.05 17.39
CA LEU A 142 -4.83 13.49 17.35
C LEU A 142 -6.18 13.90 16.78
N LYS A 143 -6.65 13.18 15.76
CA LYS A 143 -7.92 13.50 15.15
C LYS A 143 -8.58 12.27 14.52
N THR A 144 -9.91 12.28 14.52
CA THR A 144 -10.69 11.19 13.93
C THR A 144 -11.58 11.86 12.90
N LEU A 145 -11.43 11.45 11.64
CA LEU A 145 -12.22 12.03 10.55
C LEU A 145 -13.32 11.07 10.11
N PRO A 146 -14.58 11.52 10.15
CA PRO A 146 -15.70 10.67 9.72
C PRO A 146 -15.67 10.72 8.20
N ALA A 147 -14.62 10.13 7.66
CA ALA A 147 -14.30 10.12 6.24
C ALA A 147 -15.19 9.46 5.19
N HIS A 148 -15.70 8.26 5.48
CA HIS A 148 -16.49 7.54 4.49
C HIS A 148 -17.71 6.81 5.07
N SER A 149 -18.43 6.11 4.19
CA SER A 149 -19.61 5.36 4.61
C SER A 149 -19.44 3.86 4.36
N ASP A 150 -18.19 3.44 4.26
CA ASP A 150 -17.80 2.05 4.06
C ASP A 150 -16.33 1.96 4.44
N PRO A 151 -15.78 0.74 4.54
CA PRO A 151 -14.36 0.59 4.91
C PRO A 151 -13.41 1.47 4.11
N VAL A 152 -12.41 2.02 4.80
CA VAL A 152 -11.40 2.86 4.16
C VAL A 152 -10.31 1.90 3.66
N SER A 153 -10.09 1.90 2.36
CA SER A 153 -9.11 1.00 1.74
C SER A 153 -7.67 1.49 1.69
N ALA A 154 -7.48 2.80 1.75
CA ALA A 154 -6.12 3.33 1.70
C ALA A 154 -6.06 4.78 2.19
N VAL A 155 -4.91 5.16 2.71
CA VAL A 155 -4.68 6.51 3.19
C VAL A 155 -3.24 6.85 2.86
N HIS A 156 -2.97 8.09 2.46
CA HIS A 156 -1.61 8.48 2.09
C HIS A 156 -1.42 9.98 2.22
N PHE A 157 -0.23 10.39 2.68
CA PHE A 157 0.09 11.81 2.83
C PHE A 157 0.73 12.30 1.54
N ASN A 158 0.52 13.59 1.23
CA ASN A 158 1.12 14.15 0.02
C ASN A 158 2.57 14.51 0.36
N ARG A 159 3.30 15.04 -0.60
CA ARG A 159 4.72 15.36 -0.39
C ARG A 159 5.12 16.17 0.84
N ASP A 160 4.35 17.19 1.19
CA ASP A 160 4.70 17.99 2.36
C ASP A 160 3.88 17.64 3.60
N GLY A 161 3.03 16.64 3.47
CA GLY A 161 2.20 16.20 4.59
C GLY A 161 1.00 17.05 4.97
N SER A 162 0.74 18.11 4.22
CA SER A 162 -0.40 18.97 4.52
C SER A 162 -1.72 18.36 4.09
N LEU A 163 -1.65 17.33 3.25
CA LEU A 163 -2.85 16.67 2.77
C LEU A 163 -2.82 15.17 2.94
N ILE A 164 -4.02 14.60 3.06
CA ILE A 164 -4.18 13.17 3.19
C ILE A 164 -5.22 12.77 2.15
N VAL A 165 -4.95 11.70 1.41
CA VAL A 165 -5.94 11.23 0.44
C VAL A 165 -6.42 9.88 0.96
N SER A 166 -7.72 9.66 0.91
CA SER A 166 -8.29 8.41 1.38
C SER A 166 -9.20 7.83 0.32
N SER A 167 -9.37 6.52 0.35
CA SER A 167 -10.24 5.85 -0.61
C SER A 167 -11.14 4.89 0.17
N SER A 168 -12.27 4.54 -0.41
CA SER A 168 -13.19 3.67 0.30
C SER A 168 -14.09 2.87 -0.62
N TYR A 169 -14.62 1.78 -0.06
CA TYR A 169 -15.54 0.91 -0.79
C TYR A 169 -16.80 1.69 -1.15
N ASP A 170 -16.97 2.87 -0.55
CA ASP A 170 -18.14 3.70 -0.84
C ASP A 170 -18.05 4.37 -2.21
N GLY A 171 -16.94 4.12 -2.91
CA GLY A 171 -16.74 4.67 -4.23
C GLY A 171 -16.09 6.03 -4.31
N LEU A 172 -15.72 6.58 -3.15
CA LEU A 172 -15.11 7.90 -3.10
C LEU A 172 -13.64 7.96 -2.77
N CYS A 173 -13.01 9.01 -3.26
CA CYS A 173 -11.62 9.34 -2.98
C CYS A 173 -11.77 10.73 -2.41
N ARG A 174 -11.27 10.95 -1.20
CA ARG A 174 -11.39 12.27 -0.60
C ARG A 174 -10.01 12.78 -0.15
N ILE A 175 -9.83 14.09 -0.22
CA ILE A 175 -8.57 14.70 0.18
C ILE A 175 -8.87 15.54 1.41
N TRP A 176 -8.05 15.36 2.45
CA TRP A 176 -8.25 16.05 3.72
C TRP A 176 -7.09 16.95 4.12
N ASP A 177 -7.42 18.05 4.81
CA ASP A 177 -6.39 18.96 5.31
C ASP A 177 -5.91 18.33 6.61
N THR A 178 -4.63 17.99 6.67
CA THR A 178 -4.07 17.35 7.85
C THR A 178 -4.29 18.14 9.14
N ALA A 179 -4.04 19.44 9.08
CA ALA A 179 -4.18 20.30 10.25
C ALA A 179 -5.62 20.53 10.72
N SER A 180 -6.52 20.87 9.81
CA SER A 180 -7.90 21.14 10.17
C SER A 180 -8.82 19.93 10.15
N GLY A 181 -8.52 18.95 9.31
CA GLY A 181 -9.35 17.77 9.23
C GLY A 181 -10.55 18.00 8.31
N GLN A 182 -10.56 19.13 7.61
CA GLN A 182 -11.66 19.44 6.71
C GLN A 182 -11.53 18.68 5.39
N CYS A 183 -12.65 18.25 4.84
CA CYS A 183 -12.66 17.55 3.56
C CYS A 183 -12.52 18.63 2.49
N LEU A 184 -11.39 18.62 1.78
CA LEU A 184 -11.14 19.63 0.76
C LEU A 184 -11.61 19.24 -0.64
N LYS A 185 -11.89 17.96 -0.86
CA LYS A 185 -12.32 17.52 -2.18
C LYS A 185 -12.78 16.08 -2.18
N THR A 186 -13.76 15.80 -3.03
CA THR A 186 -14.28 14.44 -3.21
C THR A 186 -14.16 14.16 -4.70
N LEU A 187 -13.44 13.08 -5.02
CA LEU A 187 -13.23 12.71 -6.40
C LEU A 187 -13.91 11.39 -6.75
N ILE A 188 -14.67 11.42 -7.83
CA ILE A 188 -15.37 10.23 -8.31
C ILE A 188 -15.62 10.43 -9.81
N ASP A 189 -15.56 9.35 -10.58
CA ASP A 189 -15.78 9.45 -12.02
C ASP A 189 -17.23 9.11 -12.39
N ASP A 190 -17.46 8.80 -13.67
CA ASP A 190 -18.81 8.51 -14.16
C ASP A 190 -19.49 7.26 -13.58
N ASP A 191 -18.73 6.40 -12.91
CA ASP A 191 -19.29 5.20 -12.30
C ASP A 191 -18.91 5.22 -10.83
N ASN A 192 -19.56 4.40 -10.00
CA ASN A 192 -19.28 4.39 -8.57
C ASN A 192 -18.71 3.08 -8.00
N PRO A 193 -17.77 2.45 -8.71
CA PRO A 193 -17.22 1.20 -8.16
C PRO A 193 -16.40 1.48 -6.91
N PRO A 194 -16.23 0.47 -6.04
CA PRO A 194 -15.45 0.68 -4.83
C PRO A 194 -14.04 1.15 -5.21
N VAL A 195 -13.49 2.09 -4.45
CA VAL A 195 -12.13 2.55 -4.70
C VAL A 195 -11.30 1.71 -3.74
N SER A 196 -10.43 0.88 -4.30
CA SER A 196 -9.61 -0.06 -3.53
C SER A 196 -8.20 0.40 -3.14
N PHE A 197 -7.75 1.50 -3.72
CA PHE A 197 -6.40 1.99 -3.40
C PHE A 197 -6.20 3.38 -3.96
N VAL A 198 -5.39 4.17 -3.27
CA VAL A 198 -5.05 5.53 -3.71
C VAL A 198 -3.71 5.93 -3.11
N LYS A 199 -3.02 6.84 -3.79
CA LYS A 199 -1.75 7.36 -3.31
C LYS A 199 -1.32 8.52 -4.19
N PHE A 200 -0.66 9.49 -3.58
CA PHE A 200 -0.15 10.65 -4.32
C PHE A 200 1.06 10.23 -5.13
N SER A 201 1.26 10.89 -6.27
CA SER A 201 2.40 10.60 -7.13
C SER A 201 3.63 11.17 -6.44
N PRO A 202 4.83 10.75 -6.88
CA PRO A 202 6.09 11.23 -6.29
C PRO A 202 6.20 12.75 -6.19
N ASN A 203 5.72 13.46 -7.23
CA ASN A 203 5.79 14.92 -7.22
C ASN A 203 4.57 15.55 -6.54
N GLY A 204 3.65 14.71 -6.11
CA GLY A 204 2.46 15.20 -5.42
C GLY A 204 1.39 15.87 -6.27
N LYS A 205 1.55 15.89 -7.58
CA LYS A 205 0.55 16.53 -8.44
C LYS A 205 -0.62 15.63 -8.75
N TYR A 206 -0.39 14.32 -8.73
CA TYR A 206 -1.43 13.37 -9.07
C TYR A 206 -1.80 12.40 -7.97
N ILE A 207 -2.90 11.70 -8.20
CA ILE A 207 -3.38 10.68 -7.29
C ILE A 207 -3.63 9.48 -8.19
N LEU A 208 -3.03 8.35 -7.85
CA LEU A 208 -3.22 7.13 -8.60
C LEU A 208 -4.28 6.37 -7.84
N ALA A 209 -5.38 6.05 -8.50
CA ALA A 209 -6.47 5.36 -7.83
C ALA A 209 -6.91 4.10 -8.55
N ALA A 210 -7.16 3.05 -7.78
CA ALA A 210 -7.61 1.78 -8.32
C ALA A 210 -9.05 1.60 -7.91
N THR A 211 -9.87 1.07 -8.82
CA THR A 211 -11.27 0.81 -8.52
C THR A 211 -11.55 -0.64 -8.88
N LEU A 212 -12.49 -1.24 -8.18
CA LEU A 212 -12.79 -2.64 -8.41
C LEU A 212 -13.58 -2.95 -9.67
N ASP A 213 -13.23 -2.24 -10.74
CA ASP A 213 -13.83 -2.48 -12.04
C ASP A 213 -12.68 -2.65 -13.02
N ASN A 214 -11.61 -3.25 -12.53
CA ASN A 214 -10.42 -3.55 -13.33
C ASN A 214 -9.77 -2.29 -13.89
N THR A 215 -9.73 -1.22 -13.10
CA THR A 215 -9.16 0.02 -13.61
C THR A 215 -8.27 0.79 -12.65
N LEU A 216 -7.24 1.41 -13.21
CA LEU A 216 -6.32 2.27 -12.47
C LEU A 216 -6.44 3.62 -13.18
N LYS A 217 -6.50 4.70 -12.43
CA LYS A 217 -6.61 6.03 -13.02
C LYS A 217 -5.67 7.03 -12.37
N LEU A 218 -5.11 7.91 -13.19
CA LEU A 218 -4.22 8.95 -12.69
C LEU A 218 -5.03 10.24 -12.71
N TRP A 219 -5.26 10.80 -11.53
CA TRP A 219 -6.05 12.02 -11.38
C TRP A 219 -5.19 13.27 -11.12
N ASP A 220 -5.57 14.38 -11.74
CA ASP A 220 -4.86 15.63 -11.49
C ASP A 220 -5.58 16.14 -10.25
N TYR A 221 -4.90 16.14 -9.12
CA TYR A 221 -5.51 16.58 -7.87
C TYR A 221 -6.10 17.99 -7.92
N SER A 222 -5.28 18.97 -8.28
CA SER A 222 -5.73 20.36 -8.35
C SER A 222 -6.96 20.56 -9.24
N LYS A 223 -6.90 20.08 -10.47
CA LYS A 223 -8.02 20.23 -11.41
C LYS A 223 -9.16 19.28 -11.13
N GLY A 224 -8.91 18.26 -10.32
CA GLY A 224 -9.94 17.29 -10.00
C GLY A 224 -10.47 16.50 -11.18
N LYS A 225 -9.58 16.14 -12.10
CA LYS A 225 -10.02 15.37 -13.27
C LYS A 225 -9.10 14.20 -13.59
N CYS A 226 -9.67 13.18 -14.23
CA CYS A 226 -8.92 11.99 -14.61
C CYS A 226 -8.11 12.30 -15.86
N LEU A 227 -6.80 12.05 -15.79
CA LEU A 227 -5.91 12.32 -16.91
C LEU A 227 -5.59 11.08 -17.72
N LYS A 228 -5.40 9.95 -17.05
CA LYS A 228 -5.07 8.71 -17.73
C LYS A 228 -5.71 7.52 -17.05
N THR A 229 -6.00 6.49 -17.83
CA THR A 229 -6.59 5.26 -17.28
C THR A 229 -5.71 4.10 -17.73
N TYR A 230 -5.50 3.15 -16.84
CA TYR A 230 -4.68 1.99 -17.15
C TYR A 230 -5.56 0.75 -16.99
N THR A 231 -5.66 -0.03 -18.05
CA THR A 231 -6.49 -1.23 -18.03
C THR A 231 -5.77 -2.44 -18.63
N GLY A 232 -6.39 -3.61 -18.52
CA GLY A 232 -5.79 -4.81 -19.06
C GLY A 232 -5.62 -5.90 -18.01
N HIS A 233 -5.64 -5.51 -16.75
CA HIS A 233 -5.47 -6.46 -15.65
C HIS A 233 -6.82 -6.83 -15.07
N LYS A 234 -6.79 -7.66 -14.04
CA LYS A 234 -8.01 -8.11 -13.38
C LYS A 234 -8.01 -7.65 -11.93
N ASN A 235 -9.01 -6.86 -11.55
CA ASN A 235 -9.11 -6.38 -10.18
C ASN A 235 -10.56 -6.03 -9.84
N GLU A 236 -11.28 -6.99 -9.28
CA GLU A 236 -12.67 -6.79 -8.91
C GLU A 236 -12.98 -7.24 -7.49
N LYS A 237 -12.02 -7.84 -6.79
CA LYS A 237 -12.28 -8.35 -5.45
C LYS A 237 -11.38 -7.90 -4.31
N TYR A 238 -10.10 -7.71 -4.58
CA TYR A 238 -9.14 -7.34 -3.54
C TYR A 238 -8.55 -5.96 -3.68
N CYS A 239 -8.13 -5.39 -2.55
CA CYS A 239 -7.53 -4.07 -2.56
C CYS A 239 -6.05 -4.25 -2.83
N ILE A 240 -5.72 -4.26 -4.13
CA ILE A 240 -4.37 -4.44 -4.62
C ILE A 240 -3.64 -3.10 -4.68
N PHE A 241 -2.40 -3.07 -4.21
CA PHE A 241 -1.60 -1.84 -4.24
C PHE A 241 -1.17 -1.52 -5.66
N ALA A 242 -0.78 -0.27 -5.89
CA ALA A 242 -0.29 0.14 -7.20
C ALA A 242 0.88 1.06 -6.92
N ASN A 243 1.86 1.09 -7.83
CA ASN A 243 3.02 1.95 -7.62
C ASN A 243 3.46 2.74 -8.83
N PHE A 244 4.32 3.72 -8.55
CA PHE A 244 4.94 4.55 -9.56
C PHE A 244 6.38 4.07 -9.58
N SER A 245 6.84 3.52 -10.70
CA SER A 245 8.23 3.08 -10.80
C SER A 245 8.97 4.25 -11.41
N VAL A 246 9.95 4.77 -10.69
CA VAL A 246 10.69 5.94 -11.17
C VAL A 246 12.22 5.79 -11.23
N THR A 247 12.73 4.58 -11.03
CA THR A 247 14.18 4.39 -11.07
C THR A 247 14.72 4.33 -12.49
N GLY A 248 13.96 3.72 -13.40
CA GLY A 248 14.37 3.64 -14.78
C GLY A 248 13.31 4.30 -15.63
N GLY A 249 12.58 3.51 -16.42
CA GLY A 249 11.51 4.07 -17.22
C GLY A 249 10.38 4.39 -16.26
N LYS A 250 9.53 5.36 -16.61
CA LYS A 250 8.42 5.74 -15.74
C LYS A 250 7.21 4.85 -15.98
N TRP A 251 7.02 3.87 -15.10
CA TRP A 251 5.90 2.93 -15.23
C TRP A 251 4.90 3.02 -14.09
N ILE A 252 3.82 2.26 -14.25
CA ILE A 252 2.78 2.13 -13.24
C ILE A 252 2.84 0.62 -13.04
N VAL A 253 2.89 0.18 -11.79
CA VAL A 253 2.99 -1.24 -11.48
C VAL A 253 1.83 -1.68 -10.58
N SER A 254 1.33 -2.89 -10.81
CA SER A 254 0.22 -3.38 -9.99
C SER A 254 0.03 -4.88 -10.11
N GLY A 255 -0.44 -5.49 -9.01
CA GLY A 255 -0.71 -6.91 -9.01
C GLY A 255 -2.03 -7.10 -9.72
N SER A 256 -2.43 -8.35 -9.90
CA SER A 256 -3.68 -8.65 -10.59
C SER A 256 -4.29 -9.93 -10.07
N GLU A 257 -5.59 -10.06 -10.25
CA GLU A 257 -6.30 -11.25 -9.80
C GLU A 257 -6.13 -12.46 -10.72
N ASP A 258 -5.28 -12.30 -11.74
CA ASP A 258 -4.99 -13.40 -12.65
C ASP A 258 -3.58 -13.92 -12.34
N ASN A 259 -3.09 -13.56 -11.15
CA ASN A 259 -1.78 -13.97 -10.63
C ASN A 259 -0.57 -13.35 -11.28
N LEU A 260 -0.77 -12.27 -12.02
CA LEU A 260 0.34 -11.62 -12.70
C LEU A 260 0.62 -10.22 -12.20
N VAL A 261 1.81 -9.73 -12.49
CA VAL A 261 2.20 -8.37 -12.16
C VAL A 261 2.11 -7.61 -13.48
N TYR A 262 1.39 -6.50 -13.50
CA TYR A 262 1.27 -5.72 -14.72
C TYR A 262 2.10 -4.45 -14.63
N ILE A 263 2.73 -4.09 -15.75
CA ILE A 263 3.54 -2.89 -15.82
C ILE A 263 3.12 -2.09 -17.05
N TRP A 264 2.69 -0.85 -16.82
CA TRP A 264 2.24 0.04 -17.91
C TRP A 264 3.19 1.21 -18.08
N ASN A 265 3.21 1.77 -19.28
CA ASN A 265 4.01 2.94 -19.57
C ASN A 265 3.09 4.03 -19.04
N LEU A 266 3.57 4.82 -18.09
CA LEU A 266 2.74 5.86 -17.50
C LEU A 266 2.18 6.86 -18.51
N GLN A 267 3.03 7.33 -19.41
CA GLN A 267 2.62 8.31 -20.41
C GLN A 267 1.68 7.77 -21.48
N THR A 268 2.04 6.65 -22.10
CA THR A 268 1.21 6.07 -23.17
C THR A 268 0.06 5.19 -22.70
N LYS A 269 0.18 4.64 -21.49
CA LYS A 269 -0.86 3.78 -20.92
C LYS A 269 -0.86 2.38 -21.50
N GLU A 270 0.17 2.06 -22.28
CA GLU A 270 0.29 0.73 -22.89
C GLU A 270 0.93 -0.23 -21.88
N ILE A 271 0.55 -1.51 -21.96
CA ILE A 271 1.13 -2.52 -21.09
C ILE A 271 2.50 -2.79 -21.68
N VAL A 272 3.54 -2.76 -20.87
CA VAL A 272 4.88 -3.00 -21.37
C VAL A 272 5.44 -4.36 -20.96
N GLN A 273 4.86 -4.93 -19.91
CA GLN A 273 5.31 -6.24 -19.44
C GLN A 273 4.37 -6.84 -18.40
N LYS A 274 4.33 -8.16 -18.36
CA LYS A 274 3.51 -8.90 -17.39
C LYS A 274 4.41 -9.96 -16.78
N LEU A 275 4.50 -9.96 -15.46
CA LEU A 275 5.36 -10.91 -14.75
C LEU A 275 4.59 -12.13 -14.29
N GLN A 276 4.99 -13.29 -14.79
CA GLN A 276 4.33 -14.54 -14.47
C GLN A 276 5.15 -15.37 -13.49
N GLY A 277 4.47 -16.05 -12.57
CA GLY A 277 5.17 -16.87 -11.59
C GLY A 277 4.39 -17.20 -10.33
N HIS A 278 3.60 -16.24 -9.83
CA HIS A 278 2.82 -16.49 -8.63
C HIS A 278 1.68 -17.47 -8.93
N THR A 279 1.19 -18.14 -7.90
CA THR A 279 0.12 -19.12 -8.04
C THR A 279 -1.21 -18.64 -7.46
N ASP A 280 -1.26 -17.39 -7.05
CA ASP A 280 -2.49 -16.81 -6.50
C ASP A 280 -2.47 -15.31 -6.76
N VAL A 281 -3.55 -14.64 -6.41
CA VAL A 281 -3.69 -13.20 -6.58
C VAL A 281 -2.48 -12.43 -6.07
N VAL A 282 -1.93 -11.53 -6.89
CA VAL A 282 -0.81 -10.71 -6.45
C VAL A 282 -1.48 -9.50 -5.79
N ILE A 283 -1.48 -9.51 -4.46
CA ILE A 283 -2.12 -8.47 -3.66
C ILE A 283 -1.29 -7.20 -3.47
N SER A 284 0.02 -7.34 -3.54
CA SER A 284 0.86 -6.18 -3.30
C SER A 284 2.16 -6.17 -4.10
N THR A 285 2.59 -4.98 -4.49
CA THR A 285 3.84 -4.79 -5.22
C THR A 285 4.50 -3.54 -4.68
N ALA A 286 5.81 -3.45 -4.84
CA ALA A 286 6.58 -2.29 -4.37
C ALA A 286 7.79 -2.13 -5.27
N CYS A 287 8.21 -0.89 -5.48
CA CYS A 287 9.35 -0.58 -6.34
C CYS A 287 10.51 -0.01 -5.53
N HIS A 288 11.67 -0.62 -5.67
CA HIS A 288 12.88 -0.18 -4.96
C HIS A 288 13.16 1.29 -5.26
N PRO A 289 13.64 2.04 -4.27
CA PRO A 289 13.92 3.47 -4.46
C PRO A 289 15.08 3.87 -5.37
N THR A 290 16.05 2.98 -5.58
CA THR A 290 17.19 3.33 -6.44
C THR A 290 17.52 2.32 -7.52
N GLU A 291 17.16 1.06 -7.32
CA GLU A 291 17.43 0.03 -8.31
C GLU A 291 16.12 -0.36 -8.99
N ASN A 292 16.20 -0.83 -10.23
CA ASN A 292 15.00 -1.25 -10.94
C ASN A 292 14.66 -2.62 -10.40
N ILE A 293 14.05 -2.63 -9.22
CA ILE A 293 13.67 -3.88 -8.58
C ILE A 293 12.21 -3.81 -8.15
N ILE A 294 11.47 -4.88 -8.42
CA ILE A 294 10.08 -4.94 -8.03
C ILE A 294 9.88 -6.13 -7.11
N ALA A 295 9.13 -5.92 -6.04
CA ALA A 295 8.81 -6.97 -5.10
C ALA A 295 7.32 -7.21 -5.26
N SER A 296 6.90 -8.46 -5.29
CA SER A 296 5.49 -8.79 -5.44
C SER A 296 5.14 -9.83 -4.39
N ALA A 297 3.89 -9.82 -3.94
CA ALA A 297 3.44 -10.77 -2.93
C ALA A 297 2.05 -11.28 -3.30
N ALA A 298 1.78 -12.54 -2.95
CA ALA A 298 0.52 -13.17 -3.28
C ALA A 298 -0.25 -13.74 -2.10
N LEU A 299 -1.52 -14.07 -2.34
CA LEU A 299 -2.40 -14.58 -1.31
C LEU A 299 -2.22 -16.04 -0.89
N GLU A 300 -3.18 -16.52 -0.08
CA GLU A 300 -3.21 -17.86 0.49
C GLU A 300 -2.66 -19.07 -0.24
N ASN A 301 -3.00 -19.24 -1.51
CA ASN A 301 -2.51 -20.41 -2.25
C ASN A 301 -1.07 -20.30 -2.72
N ASP A 302 -0.46 -19.14 -2.51
CA ASP A 302 0.92 -18.91 -2.92
C ASP A 302 1.80 -18.70 -1.69
N LYS A 303 1.49 -17.66 -0.92
CA LYS A 303 2.21 -17.30 0.31
C LYS A 303 3.64 -16.84 0.13
N THR A 304 4.07 -16.58 -1.10
CA THR A 304 5.45 -16.14 -1.30
C THR A 304 5.59 -14.72 -1.81
N ILE A 305 6.82 -14.22 -1.74
CA ILE A 305 7.16 -12.89 -2.20
C ILE A 305 8.20 -13.11 -3.29
N LYS A 306 8.15 -12.33 -4.35
CA LYS A 306 9.13 -12.49 -5.43
C LYS A 306 9.81 -11.18 -5.74
N LEU A 307 11.12 -11.25 -6.02
CA LEU A 307 11.90 -10.08 -6.35
C LEU A 307 12.32 -10.17 -7.82
N TRP A 308 11.93 -9.17 -8.60
CA TRP A 308 12.24 -9.15 -10.02
C TRP A 308 13.19 -7.97 -10.26
N LYS A 309 14.12 -8.15 -11.20
CA LYS A 309 15.11 -7.11 -11.52
C LYS A 309 15.13 -6.81 -13.02
N SER A 310 15.28 -5.54 -13.35
CA SER A 310 15.33 -5.11 -14.75
C SER A 310 16.56 -4.24 -14.99
N ASP A 311 16.97 -4.11 -16.24
CA ASP A 311 18.14 -3.29 -16.57
C ASP A 311 17.70 -1.85 -16.85
N CYS A 312 16.40 -1.64 -16.97
CA CYS A 312 15.85 -0.31 -17.23
C CYS A 312 14.41 -0.21 -16.73
C ACE B 1 -6.61 -15.18 5.77
O ACE B 1 -5.49 -15.64 5.89
CH3 ACE B 1 -7.38 -15.36 4.48
N GLY B 2 -7.22 -14.49 6.73
CA GLY B 2 -6.55 -14.26 8.00
C GLY B 2 -6.51 -12.79 8.37
N SER B 3 -6.68 -11.93 7.37
CA SER B 3 -6.68 -10.49 7.60
C SER B 3 -7.61 -9.87 6.56
N ALA B 4 -8.19 -8.72 6.90
CA ALA B 4 -9.11 -8.03 5.99
C ALA B 4 -8.64 -7.95 4.54
N ARG B 5 -7.40 -7.52 4.31
CA ARG B 5 -6.94 -7.38 2.93
C ARG B 5 -6.89 -8.69 2.14
N ALA B 6 -6.71 -9.81 2.84
CA ALA B 6 -6.63 -11.11 2.16
C ALA B 6 -8.02 -11.71 1.99
N GLU B 7 -9.05 -10.95 2.32
CA GLU B 7 -10.43 -11.42 2.20
C GLU B 7 -11.21 -10.54 1.21
N VAL B 8 -12.32 -11.07 0.73
CA VAL B 8 -13.16 -10.32 -0.21
C VAL B 8 -14.23 -9.61 0.62
N HIS B 9 -14.52 -8.36 0.27
CA HIS B 9 -15.54 -7.60 0.98
C HIS B 9 -16.69 -7.23 0.05
N LEU B 10 -17.91 -7.54 0.49
CA LEU B 10 -19.11 -7.24 -0.28
C LEU B 10 -19.67 -5.87 0.10
S SO4 C . 17.00 -17.40 3.62
O1 SO4 C . 15.77 -18.21 3.20
O2 SO4 C . 18.18 -18.18 3.04
O3 SO4 C . 16.95 -16.11 3.00
O4 SO4 C . 17.09 -17.39 5.04
S SO4 D . -7.91 7.99 -20.80
O1 SO4 D . -8.81 6.78 -21.01
O2 SO4 D . -6.51 7.39 -20.70
O3 SO4 D . -7.98 8.84 -21.92
O4 SO4 D . -8.25 8.60 -19.56
S SO4 E . -1.41 -2.29 -25.34
O1 SO4 E . -1.00 -3.70 -25.77
O2 SO4 E . -0.32 -1.40 -25.93
O3 SO4 E . -2.65 -1.96 -25.94
O4 SO4 E . -1.38 -2.20 -23.93
#